data_5FFP
#
_entry.id   5FFP
#
_cell.length_a   116.298
_cell.length_b   116.298
_cell.length_c   70.065
_cell.angle_alpha   90.00
_cell.angle_beta   90.00
_cell.angle_gamma   120.00
#
_symmetry.space_group_name_H-M   'P 63'
#
loop_
_entity.id
_entity.type
_entity.pdbx_description
1 polymer 'Immunity 23 family protein'
2 non-polymer '4-(2-HYDROXYETHYL)-1-PIPERAZINE ETHANESULFONIC ACID'
3 water water
#
_entity_poly.entity_id   1
_entity_poly.type   'polypeptide(L)'
_entity_poly.pdbx_seq_one_letter_code
;(MSE)LSGNPHTFAIWCDAVESWSTPAFANGCLGYF(MSE)GGKLVWSSNSTLGVDLS(MSE)LSRLHC(MSE)RNTVED
AELFHISPEDAYRELCNRAFPS(MSE)DSGAESNDFTHLVSAESLSDEGYYIFLVEYDESAKLIYGFKENSREAGEVVLV
RGEFQSVVRDVLAKSPKDFNAGSLAGHHHHHH
;
_entity_poly.pdbx_strand_id   A,B
#
loop_
_chem_comp.id
_chem_comp.type
_chem_comp.name
_chem_comp.formula
EPE non-polymer '4-(2-HYDROXYETHYL)-1-PIPERAZINE ETHANESULFONIC ACID' 'C8 H18 N2 O4 S'
#
# COMPACT_ATOMS: atom_id res chain seq x y z
N MSE A 1 18.10 28.24 3.32
CA MSE A 1 16.92 28.97 2.76
C MSE A 1 15.73 28.64 3.60
O MSE A 1 15.61 27.52 4.10
CB MSE A 1 16.75 28.60 1.29
CG MSE A 1 15.33 28.13 0.92
SE MSE A 1 15.19 27.69 -1.03
CE MSE A 1 17.02 27.05 -1.44
N LEU A 2 14.83 29.59 3.75
CA LEU A 2 13.68 29.41 4.64
C LEU A 2 12.45 30.08 4.05
N SER A 3 11.43 29.27 3.82
CA SER A 3 10.27 29.73 3.13
C SER A 3 9.11 29.46 4.05
N GLY A 4 8.20 30.41 4.11
CA GLY A 4 7.03 30.33 4.99
C GLY A 4 7.32 30.95 6.35
N ASN A 5 6.56 30.51 7.35
CA ASN A 5 6.50 31.20 8.63
C ASN A 5 6.55 30.16 9.73
N PRO A 6 7.66 30.12 10.48
CA PRO A 6 7.80 29.03 11.41
C PRO A 6 6.67 28.89 12.43
N HIS A 7 5.91 29.96 12.70
CA HIS A 7 4.85 29.85 13.69
C HIS A 7 3.64 29.12 13.15
N THR A 8 3.52 29.01 11.82
CA THR A 8 2.43 28.25 11.22
C THR A 8 3.04 27.06 10.43
N PHE A 9 3.56 27.32 9.24
CA PHE A 9 4.32 26.32 8.50
C PHE A 9 5.47 26.92 7.70
N ALA A 10 6.64 26.31 7.82
CA ALA A 10 7.76 26.72 7.01
C ALA A 10 8.64 25.52 6.72
N ILE A 11 9.45 25.66 5.66
CA ILE A 11 10.48 24.70 5.32
C ILE A 11 11.78 25.40 5.40
N TRP A 12 12.72 24.80 6.12
CA TRP A 12 14.06 25.29 6.22
C TRP A 12 14.97 24.25 5.55
N CYS A 13 15.75 24.66 4.54
CA CYS A 13 16.75 23.75 3.97
C CYS A 13 18.06 24.39 3.44
N ASP A 14 19.16 23.62 3.53
CA ASP A 14 20.42 24.04 3.00
C ASP A 14 21.31 22.83 2.69
N ALA A 15 22.02 22.89 1.59
CA ALA A 15 23.15 22.06 1.28
C ALA A 15 24.31 22.30 2.24
N VAL A 16 25.09 21.23 2.48
CA VAL A 16 26.35 21.40 3.15
C VAL A 16 27.43 21.21 2.13
N GLU A 17 28.14 22.30 1.84
CA GLU A 17 29.11 22.36 0.78
C GLU A 17 30.08 21.17 0.71
N SER A 18 30.49 20.68 1.88
CA SER A 18 31.50 19.64 1.99
C SER A 18 30.90 18.23 1.85
N TRP A 19 29.58 18.12 1.94
CA TRP A 19 28.87 16.85 1.71
C TRP A 19 28.41 16.69 0.29
N SER A 20 28.55 17.73 -0.51
CA SER A 20 27.77 17.84 -1.75
C SER A 20 28.68 17.76 -2.97
N THR A 21 28.05 17.52 -4.12
CA THR A 21 28.70 17.52 -5.43
C THR A 21 27.79 18.36 -6.29
N PRO A 22 28.25 18.81 -7.46
CA PRO A 22 27.31 19.51 -8.32
C PRO A 22 26.00 18.76 -8.58
N ALA A 23 25.98 17.42 -8.45
CA ALA A 23 24.82 16.61 -8.75
C ALA A 23 23.95 16.39 -7.54
N PHE A 24 24.58 16.39 -6.37
CA PHE A 24 23.89 16.01 -5.20
C PHE A 24 24.11 17.13 -4.19
N ALA A 25 23.08 17.95 -4.00
CA ALA A 25 23.03 18.96 -2.94
C ALA A 25 22.63 18.23 -1.69
N ASN A 26 23.61 17.85 -0.88
CA ASN A 26 23.34 17.08 0.32
C ASN A 26 23.44 17.94 1.54
N GLY A 27 22.48 17.84 2.44
CA GLY A 27 22.41 18.77 3.55
C GLY A 27 21.21 18.56 4.46
N CYS A 28 20.54 19.63 4.84
CA CYS A 28 19.51 19.58 5.88
C CYS A 28 18.18 20.10 5.41
N LEU A 29 17.13 19.48 5.95
CA LEU A 29 15.78 19.87 5.64
C LEU A 29 14.89 19.65 6.84
N GLY A 30 14.09 20.66 7.15
CA GLY A 30 13.19 20.59 8.28
C GLY A 30 11.92 21.28 7.94
N TYR A 31 10.86 20.85 8.59
CA TYR A 31 9.55 21.49 8.58
C TYR A 31 9.37 22.12 9.98
N PHE A 32 9.06 23.41 10.02
CA PHE A 32 8.51 24.06 11.24
C PHE A 32 6.98 23.96 11.15
N MSE A 33 6.38 23.50 12.23
CA MSE A 33 4.94 23.32 12.29
C MSE A 33 4.52 23.83 13.64
O MSE A 33 4.94 23.29 14.69
CB MSE A 33 4.64 21.84 12.08
CG MSE A 33 5.36 21.26 10.86
SE MSE A 33 4.87 19.35 10.71
CE MSE A 33 6.13 18.65 12.06
N GLY A 34 3.71 24.90 13.63
CA GLY A 34 3.27 25.61 14.86
C GLY A 34 4.38 25.90 15.83
N GLY A 35 5.54 26.27 15.29
CA GLY A 35 6.74 26.55 16.09
C GLY A 35 7.64 25.39 16.40
N LYS A 36 7.17 24.17 16.21
CA LYS A 36 7.96 23.00 16.45
C LYS A 36 8.74 22.66 15.18
N LEU A 37 9.95 22.12 15.34
CA LEU A 37 10.81 21.76 14.20
C LEU A 37 11.10 20.26 14.21
N VAL A 38 10.85 19.62 13.07
CA VAL A 38 11.32 18.26 12.83
C VAL A 38 12.25 18.35 11.63
N TRP A 39 13.42 17.74 11.74
CA TRP A 39 14.47 17.97 10.78
C TRP A 39 15.30 16.71 10.56
N SER A 40 16.05 16.72 9.47
CA SER A 40 16.94 15.64 9.14
C SER A 40 18.16 16.24 8.52
N SER A 41 19.33 15.71 8.86
CA SER A 41 20.54 16.10 8.21
C SER A 41 20.95 15.04 7.18
N ASN A 42 19.97 14.41 6.57
CA ASN A 42 20.13 13.23 5.72
C ASN A 42 19.53 13.45 4.35
N SER A 43 19.27 14.70 3.99
CA SER A 43 18.52 14.96 2.77
C SER A 43 19.42 15.18 1.59
N THR A 44 18.97 14.79 0.39
CA THR A 44 19.52 15.22 -0.88
C THR A 44 18.43 16.07 -1.48
N LEU A 45 18.67 17.36 -1.56
CA LEU A 45 17.60 18.29 -1.71
C LEU A 45 16.97 18.23 -3.08
N GLY A 46 17.73 17.91 -4.11
CA GLY A 46 17.11 17.69 -5.44
C GLY A 46 16.02 16.62 -5.45
N VAL A 47 16.28 15.53 -4.75
CA VAL A 47 15.38 14.40 -4.68
C VAL A 47 14.21 14.73 -3.77
N ASP A 48 14.48 15.25 -2.58
CA ASP A 48 13.39 15.74 -1.73
C ASP A 48 12.49 16.78 -2.46
N LEU A 49 13.08 17.74 -3.16
CA LEU A 49 12.27 18.83 -3.74
C LEU A 49 11.43 18.30 -4.89
N SER A 50 12.02 17.48 -5.78
CA SER A 50 11.25 16.94 -6.85
C SER A 50 10.09 16.03 -6.37
N MSE A 51 10.28 15.36 -5.24
CA MSE A 51 9.22 14.54 -4.66
C MSE A 51 8.13 15.36 -3.94
O MSE A 51 6.97 14.94 -3.91
CB MSE A 51 9.96 13.54 -3.79
CG MSE A 51 9.10 12.95 -2.67
SE MSE A 51 9.03 14.11 -1.03
CE MSE A 51 7.41 13.26 -0.30
N LEU A 52 8.50 16.49 -3.34
CA LEU A 52 7.51 17.39 -2.76
C LEU A 52 6.61 17.95 -3.86
N SER A 53 7.21 18.20 -5.02
CA SER A 53 6.47 18.75 -6.14
C SER A 53 5.40 17.81 -6.69
N ARG A 54 5.48 16.52 -6.38
CA ARG A 54 4.56 15.49 -6.88
C ARG A 54 3.73 14.87 -5.76
N LEU A 55 3.59 15.58 -4.65
CA LEU A 55 2.67 15.13 -3.61
C LEU A 55 1.25 15.28 -4.12
N HIS A 56 0.40 14.34 -3.72
CA HIS A 56 -1.01 14.34 -4.13
C HIS A 56 -1.68 15.70 -3.89
N CYS A 57 -1.35 16.34 -2.78
CA CYS A 57 -1.96 17.61 -2.42
C CYS A 57 -1.57 18.80 -3.31
N MSE A 58 -0.62 18.63 -4.23
CA MSE A 58 -0.20 19.75 -5.05
C MSE A 58 -1.14 19.99 -6.18
O MSE A 58 -1.14 21.09 -6.75
CB MSE A 58 1.19 19.55 -5.64
CG MSE A 58 2.23 19.34 -4.56
SE MSE A 58 2.41 20.89 -3.36
CE MSE A 58 3.02 22.29 -4.60
N ARG A 59 -1.92 18.97 -6.54
CA ARG A 59 -2.93 19.07 -7.63
C ARG A 59 -4.34 18.56 -7.28
N ASN A 60 -4.52 18.01 -6.08
CA ASN A 60 -5.82 17.51 -5.64
C ASN A 60 -6.12 17.97 -4.25
N THR A 61 -7.42 18.04 -3.95
CA THR A 61 -7.90 18.38 -2.61
C THR A 61 -7.70 17.18 -1.70
N VAL A 62 -7.48 17.46 -0.43
CA VAL A 62 -7.32 16.42 0.56
C VAL A 62 -8.29 16.74 1.70
N GLU A 63 -9.54 17.01 1.32
CA GLU A 63 -10.62 17.29 2.25
C GLU A 63 -10.92 16.05 3.07
N ASP A 64 -10.97 16.19 4.39
CA ASP A 64 -11.48 15.10 5.21
C ASP A 64 -12.01 15.63 6.54
N ALA A 65 -13.33 15.62 6.64
CA ALA A 65 -14.03 16.31 7.72
C ALA A 65 -13.83 15.60 9.04
N GLU A 66 -13.82 14.28 9.01
CA GLU A 66 -13.68 13.51 10.23
C GLU A 66 -12.32 13.80 10.85
N LEU A 67 -11.27 13.60 10.04
CA LEU A 67 -9.89 13.70 10.50
C LEU A 67 -9.55 15.10 10.97
N PHE A 68 -10.18 16.09 10.33
CA PHE A 68 -10.02 17.48 10.76
C PHE A 68 -10.52 17.67 12.18
N HIS A 69 -11.69 17.11 12.48
CA HIS A 69 -12.40 17.41 13.73
C HIS A 69 -12.12 16.47 14.90
N ILE A 70 -11.47 15.34 14.65
CA ILE A 70 -11.19 14.40 15.74
C ILE A 70 -9.86 14.79 16.39
N SER A 71 -9.43 13.99 17.35
CA SER A 71 -8.19 14.25 18.08
C SER A 71 -6.98 14.11 17.15
N PRO A 72 -5.87 14.84 17.45
CA PRO A 72 -4.60 14.61 16.74
C PRO A 72 -4.13 13.17 16.91
N GLU A 73 -4.22 12.67 18.15
CA GLU A 73 -3.88 11.28 18.51
C GLU A 73 -4.62 10.22 17.68
N ASP A 74 -5.92 10.39 17.54
CA ASP A 74 -6.73 9.42 16.80
C ASP A 74 -6.54 9.59 15.29
N ALA A 75 -6.49 10.83 14.82
CA ALA A 75 -6.29 11.09 13.38
C ALA A 75 -4.96 10.50 12.87
N TYR A 76 -3.88 10.75 13.59
CA TYR A 76 -2.56 10.21 13.23
C TYR A 76 -2.55 8.68 13.16
N ARG A 77 -3.28 8.03 14.06
CA ARG A 77 -3.39 6.58 14.07
C ARG A 77 -4.18 6.10 12.86
N GLU A 78 -5.28 6.78 12.56
CA GLU A 78 -6.09 6.45 11.40
C GLU A 78 -5.32 6.68 10.09
N LEU A 79 -4.48 7.71 10.05
CA LEU A 79 -3.76 8.05 8.82
C LEU A 79 -2.62 7.07 8.56
N CYS A 80 -1.98 6.65 9.66
CA CYS A 80 -0.98 5.60 9.65
C CYS A 80 -1.61 4.23 9.35
N ASN A 81 -2.87 4.03 9.74
CA ASN A 81 -3.63 2.87 9.31
C ASN A 81 -3.83 2.83 7.81
N ARG A 82 -4.16 3.97 7.22
CA ARG A 82 -4.43 4.03 5.79
C ARG A 82 -3.17 3.82 4.98
N ALA A 83 -2.07 4.36 5.49
CA ALA A 83 -0.79 4.34 4.82
C ALA A 83 -0.13 2.97 4.90
N PHE A 84 -0.35 2.30 6.02
CA PHE A 84 0.30 1.02 6.30
C PHE A 84 -0.73 0.01 6.79
N PRO A 85 -1.64 -0.38 5.88
CA PRO A 85 -2.67 -1.31 6.30
C PRO A 85 -2.05 -2.66 6.65
N SER A 86 -2.63 -3.34 7.62
CA SER A 86 -2.12 -4.64 8.04
C SER A 86 -2.89 -5.74 7.30
N MSE A 87 -2.58 -6.99 7.62
CA MSE A 87 -3.22 -8.11 6.95
C MSE A 87 -4.60 -8.38 7.48
O MSE A 87 -5.37 -9.10 6.86
CB MSE A 87 -2.38 -9.34 7.17
CG MSE A 87 -1.00 -9.18 6.55
SE MSE A 87 -0.28 -11.00 6.40
CE MSE A 87 -0.62 -11.60 8.24
N ASP A 88 -4.92 -7.80 8.63
CA ASP A 88 -6.29 -7.80 9.16
C ASP A 88 -7.25 -7.10 8.19
N SER A 89 -6.73 -6.05 7.55
CA SER A 89 -7.49 -5.23 6.60
C SER A 89 -7.90 -5.99 5.33
N GLY A 90 -7.36 -7.19 5.13
CA GLY A 90 -7.55 -7.93 3.90
C GLY A 90 -6.41 -7.58 2.97
N ALA A 91 -6.70 -7.36 1.70
CA ALA A 91 -5.70 -7.01 0.72
C ALA A 91 -5.98 -5.59 0.24
N GLU A 92 -5.70 -4.62 1.10
CA GLU A 92 -6.14 -3.25 0.85
C GLU A 92 -5.03 -2.40 0.31
N SER A 93 -5.37 -1.58 -0.70
CA SER A 93 -4.39 -0.74 -1.34
C SER A 93 -4.02 0.40 -0.38
N ASN A 94 -2.74 0.59 -0.15
CA ASN A 94 -2.27 1.64 0.76
C ASN A 94 -2.68 3.03 0.26
N ASP A 95 -2.66 4.00 1.17
CA ASP A 95 -3.17 5.34 0.90
C ASP A 95 -2.16 6.37 1.40
N PHE A 96 -1.56 7.10 0.48
CA PHE A 96 -0.63 8.18 0.80
C PHE A 96 -1.17 9.57 0.43
N THR A 97 -2.48 9.67 0.32
CA THR A 97 -3.12 10.89 -0.16
C THR A 97 -2.74 12.08 0.72
N HIS A 98 -2.77 11.86 2.02
CA HIS A 98 -2.61 12.91 3.00
C HIS A 98 -1.16 13.11 3.45
N LEU A 99 -0.28 12.18 3.10
CA LEU A 99 1.11 12.25 3.51
C LEU A 99 1.85 13.36 2.78
N VAL A 100 2.51 14.26 3.52
CA VAL A 100 3.28 15.33 2.91
C VAL A 100 4.72 15.46 3.39
N SER A 101 5.18 14.50 4.21
CA SER A 101 6.59 14.49 4.58
C SER A 101 7.49 14.41 3.35
N ALA A 102 8.52 15.25 3.30
CA ALA A 102 9.66 15.00 2.47
C ALA A 102 10.16 13.61 2.77
N GLU A 103 10.88 13.00 1.82
CA GLU A 103 11.41 11.62 1.94
C GLU A 103 12.43 11.52 3.06
N SER A 104 13.29 12.52 3.21
CA SER A 104 14.28 12.46 4.28
C SER A 104 13.55 12.36 5.61
N LEU A 105 12.43 13.09 5.74
CA LEU A 105 11.68 13.09 7.01
C LEU A 105 10.94 11.78 7.24
N SER A 106 10.18 11.31 6.27
CA SER A 106 9.61 9.94 6.31
C SER A 106 10.60 8.85 6.64
N ASP A 107 11.78 8.95 6.05
CA ASP A 107 12.76 7.89 6.17
C ASP A 107 13.34 7.83 7.58
N GLU A 108 13.32 8.97 8.27
CA GLU A 108 13.65 8.98 9.69
C GLU A 108 12.47 8.51 10.56
N GLY A 109 11.26 8.70 10.08
CA GLY A 109 10.08 8.29 10.83
C GLY A 109 9.15 9.40 11.22
N TYR A 110 9.24 10.53 10.55
CA TYR A 110 8.31 11.61 10.78
C TYR A 110 7.27 11.50 9.71
N TYR A 111 6.04 11.25 10.15
CA TYR A 111 4.92 11.13 9.23
C TYR A 111 4.05 12.34 9.42
N ILE A 112 3.86 13.09 8.34
CA ILE A 112 3.24 14.40 8.43
C ILE A 112 2.17 14.47 7.38
N PHE A 113 0.95 14.74 7.83
CA PHE A 113 -0.21 14.62 6.96
C PHE A 113 -0.90 15.95 6.80
N LEU A 114 -1.49 16.19 5.63
CA LEU A 114 -2.31 17.35 5.39
C LEU A 114 -3.79 16.94 5.32
N VAL A 115 -4.63 17.59 6.13
CA VAL A 115 -6.09 17.44 6.04
C VAL A 115 -6.72 18.83 5.87
N GLU A 116 -7.57 18.98 4.86
CA GLU A 116 -8.21 20.25 4.59
C GLU A 116 -9.67 20.20 5.05
N TYR A 117 -10.22 21.36 5.42
CA TYR A 117 -11.64 21.48 5.68
C TYR A 117 -12.11 22.86 5.26
N ASP A 118 -13.02 22.88 4.29
CA ASP A 118 -13.57 24.12 3.82
C ASP A 118 -12.42 25.07 3.43
N GLU A 119 -12.11 26.06 4.29
CA GLU A 119 -11.09 27.08 4.02
C GLU A 119 -9.86 27.01 4.97
N SER A 120 -9.77 25.95 5.77
CA SER A 120 -8.64 25.78 6.69
C SER A 120 -7.90 24.51 6.32
N ALA A 121 -6.88 24.19 7.09
CA ALA A 121 -6.14 22.94 6.92
C ALA A 121 -5.37 22.60 8.18
N LYS A 122 -5.05 21.33 8.33
CA LYS A 122 -4.27 20.85 9.46
C LYS A 122 -3.08 20.03 8.98
N LEU A 123 -1.90 20.35 9.47
CA LEU A 123 -0.80 19.42 9.45
C LEU A 123 -0.91 18.58 10.69
N ILE A 124 -0.89 17.27 10.51
CA ILE A 124 -0.98 16.35 11.62
C ILE A 124 0.27 15.48 11.53
N TYR A 125 1.07 15.50 12.58
CA TYR A 125 2.39 14.91 12.57
C TYR A 125 2.62 14.12 13.84
N GLY A 126 3.53 13.16 13.71
CA GLY A 126 4.02 12.40 14.86
C GLY A 126 5.24 11.61 14.43
N PHE A 127 5.82 10.86 15.35
CA PHE A 127 6.99 10.05 15.06
C PHE A 127 6.60 8.57 15.14
N LYS A 128 6.72 7.85 14.02
CA LYS A 128 6.51 6.39 13.98
C LYS A 128 5.12 6.01 14.48
N GLU A 129 5.01 5.08 15.43
CA GLU A 129 3.68 4.62 15.88
C GLU A 129 3.27 5.28 17.21
N ASN A 130 3.99 6.33 17.60
CA ASN A 130 3.68 7.08 18.81
C ASN A 130 2.48 8.04 18.62
N SER A 131 1.28 7.47 18.58
CA SER A 131 0.05 8.25 18.37
C SER A 131 -0.30 9.16 19.55
N ARG A 132 0.09 8.75 20.77
CA ARG A 132 -0.07 9.57 21.97
C ARG A 132 0.61 10.96 21.85
N GLU A 133 1.86 10.97 21.44
CA GLU A 133 2.66 12.18 21.29
C GLU A 133 2.42 12.89 19.94
N ALA A 134 1.34 12.59 19.22
CA ALA A 134 1.08 13.26 17.94
C ALA A 134 0.77 14.73 18.19
N GLY A 135 0.68 15.53 17.14
CA GLY A 135 0.27 16.92 17.29
C GLY A 135 -0.20 17.48 15.96
N GLU A 136 -0.65 18.73 15.96
CA GLU A 136 -1.11 19.33 14.73
C GLU A 136 -1.10 20.82 14.87
N VAL A 137 -1.12 21.49 13.71
CA VAL A 137 -1.23 22.93 13.66
C VAL A 137 -2.22 23.32 12.58
N VAL A 138 -3.05 24.31 12.87
CA VAL A 138 -4.05 24.81 11.96
C VAL A 138 -3.43 25.81 11.00
N LEU A 139 -3.63 25.57 9.71
CA LEU A 139 -3.17 26.46 8.68
C LEU A 139 -4.36 26.99 7.94
N VAL A 140 -4.10 27.94 7.06
CA VAL A 140 -5.07 28.36 6.10
C VAL A 140 -4.96 27.36 4.94
N ARG A 141 -6.05 27.13 4.22
CA ARG A 141 -6.04 26.22 3.08
C ARG A 141 -5.23 26.82 1.94
N GLY A 142 -4.40 25.99 1.33
CA GLY A 142 -3.46 26.43 0.31
C GLY A 142 -2.09 26.85 0.87
N GLU A 143 -1.97 27.03 2.19
CA GLU A 143 -0.76 27.60 2.79
C GLU A 143 0.41 26.65 2.58
N PHE A 144 0.23 25.38 2.93
CA PHE A 144 1.23 24.36 2.69
C PHE A 144 1.72 24.32 1.23
N GLN A 145 0.81 24.15 0.31
CA GLN A 145 1.21 24.12 -1.09
C GLN A 145 2.02 25.36 -1.48
N SER A 146 1.54 26.55 -1.10
CA SER A 146 2.17 27.80 -1.50
C SER A 146 3.61 27.94 -0.98
N VAL A 147 3.86 27.45 0.23
CA VAL A 147 5.21 27.38 0.80
C VAL A 147 6.07 26.38 0.03
N VAL A 148 5.53 25.21 -0.26
CA VAL A 148 6.24 24.24 -1.09
C VAL A 148 6.58 24.83 -2.45
N ARG A 149 5.61 25.43 -3.09
CA ARG A 149 5.79 26.01 -4.40
C ARG A 149 6.88 27.10 -4.37
N ASP A 150 6.93 27.84 -3.26
CA ASP A 150 7.93 28.87 -3.06
C ASP A 150 9.31 28.24 -2.96
N VAL A 151 9.44 27.18 -2.15
CA VAL A 151 10.73 26.49 -2.06
C VAL A 151 11.24 26.03 -3.44
N LEU A 152 10.33 25.54 -4.28
CA LEU A 152 10.72 25.08 -5.62
C LEU A 152 11.11 26.22 -6.55
N ALA A 153 10.42 27.35 -6.42
CA ALA A 153 10.74 28.53 -7.22
C ALA A 153 12.13 29.09 -6.89
N LYS A 154 12.50 29.08 -5.60
CA LYS A 154 13.72 29.75 -5.14
C LYS A 154 15.03 28.96 -5.32
N SER A 155 14.93 27.68 -5.68
CA SER A 155 16.09 26.81 -5.69
C SER A 155 17.08 27.06 -6.85
N MSE B 1 -19.88 -25.39 -8.85
CA MSE B 1 -19.16 -25.44 -10.14
C MSE B 1 -17.69 -25.59 -9.86
O MSE B 1 -17.18 -25.08 -8.87
CB MSE B 1 -19.46 -24.18 -10.93
CG MSE B 1 -18.21 -23.44 -11.43
SE MSE B 1 -18.66 -21.81 -12.44
CE MSE B 1 -20.42 -21.27 -11.64
N LEU B 2 -16.99 -26.29 -10.74
CA LEU B 2 -15.58 -26.61 -10.53
C LEU B 2 -14.83 -26.57 -11.84
N SER B 3 -13.84 -25.72 -11.89
CA SER B 3 -13.13 -25.44 -13.11
C SER B 3 -11.68 -25.71 -12.83
N GLY B 4 -11.00 -26.35 -13.78
CA GLY B 4 -9.59 -26.74 -13.61
C GLY B 4 -9.45 -28.13 -13.05
N ASN B 5 -8.31 -28.36 -12.42
CA ASN B 5 -7.87 -29.71 -12.08
C ASN B 5 -7.32 -29.70 -10.69
N PRO B 6 -8.03 -30.30 -9.73
CA PRO B 6 -7.59 -30.09 -8.35
C PRO B 6 -6.17 -30.54 -8.07
N HIS B 7 -5.61 -31.42 -8.87
CA HIS B 7 -4.26 -31.88 -8.60
C HIS B 7 -3.19 -30.85 -8.94
N THR B 8 -3.57 -29.87 -9.74
CA THR B 8 -2.67 -28.79 -10.09
C THR B 8 -3.30 -27.51 -9.58
N PHE B 9 -4.30 -26.99 -10.31
CA PHE B 9 -5.05 -25.83 -9.83
C PHE B 9 -6.50 -25.85 -10.28
N ALA B 10 -7.41 -25.63 -9.33
CA ALA B 10 -8.81 -25.51 -9.66
C ALA B 10 -9.48 -24.53 -8.75
N ILE B 11 -10.60 -24.00 -9.22
CA ILE B 11 -11.50 -23.18 -8.41
C ILE B 11 -12.83 -23.90 -8.27
N TRP B 12 -13.28 -24.03 -7.03
CA TRP B 12 -14.55 -24.66 -6.70
C TRP B 12 -15.44 -23.55 -6.10
N CYS B 13 -16.59 -23.27 -6.71
CA CYS B 13 -17.52 -22.33 -6.11
C CYS B 13 -19.03 -22.62 -6.30
N ASP B 14 -19.83 -22.19 -5.34
CA ASP B 14 -21.29 -22.30 -5.43
C ASP B 14 -21.98 -21.34 -4.49
N ALA B 15 -23.08 -20.79 -4.95
CA ALA B 15 -24.03 -20.07 -4.14
C ALA B 15 -24.72 -20.97 -3.11
N VAL B 16 -25.03 -20.40 -1.95
CA VAL B 16 -25.92 -21.06 -1.02
C VAL B 16 -27.25 -20.35 -1.10
N GLU B 17 -28.26 -21.11 -1.53
CA GLU B 17 -29.56 -20.59 -1.86
C GLU B 17 -30.20 -19.68 -0.79
N SER B 18 -29.96 -20.00 0.48
CA SER B 18 -30.48 -19.27 1.63
C SER B 18 -29.71 -18.02 1.97
N TRP B 19 -28.48 -17.93 1.50
CA TRP B 19 -27.65 -16.77 1.75
C TRP B 19 -27.76 -15.78 0.61
N SER B 20 -28.45 -16.16 -0.46
CA SER B 20 -28.39 -15.45 -1.69
C SER B 20 -29.68 -14.76 -1.96
N THR B 21 -29.61 -13.76 -2.81
CA THR B 21 -30.78 -13.04 -3.21
C THR B 21 -30.71 -13.01 -4.71
N PRO B 22 -31.82 -12.70 -5.38
CA PRO B 22 -31.73 -12.66 -6.83
C PRO B 22 -30.58 -11.74 -7.35
N ALA B 23 -30.12 -10.79 -6.54
CA ALA B 23 -29.08 -9.84 -6.93
C ALA B 23 -27.70 -10.30 -6.57
N PHE B 24 -27.60 -11.13 -5.53
CA PHE B 24 -26.32 -11.50 -5.02
C PHE B 24 -26.22 -12.97 -4.78
N ALA B 25 -25.29 -13.57 -5.49
CA ALA B 25 -24.90 -14.94 -5.25
C ALA B 25 -23.93 -14.96 -4.06
N ASN B 26 -24.39 -15.42 -2.91
CA ASN B 26 -23.54 -15.57 -1.73
C ASN B 26 -23.34 -17.02 -1.31
N GLY B 27 -22.10 -17.42 -0.98
CA GLY B 27 -21.79 -18.86 -0.88
C GLY B 27 -20.34 -19.20 -0.61
N CYS B 28 -19.80 -20.19 -1.34
CA CYS B 28 -18.50 -20.76 -1.05
C CYS B 28 -17.61 -20.67 -2.26
N LEU B 29 -16.34 -20.49 -1.97
CA LEU B 29 -15.31 -20.48 -2.99
C LEU B 29 -14.02 -21.03 -2.39
N GLY B 30 -13.36 -21.87 -3.15
CA GLY B 30 -12.11 -22.45 -2.73
C GLY B 30 -11.20 -22.59 -3.92
N TYR B 31 -9.91 -22.56 -3.63
CA TYR B 31 -8.84 -22.88 -4.57
C TYR B 31 -8.25 -24.24 -4.14
N PHE B 32 -8.17 -25.17 -5.09
CA PHE B 32 -7.35 -26.39 -4.94
C PHE B 32 -5.99 -26.10 -5.54
N MSE B 33 -4.95 -26.42 -4.80
CA MSE B 33 -3.60 -26.16 -5.21
C MSE B 33 -2.80 -27.40 -4.82
O MSE B 33 -2.70 -27.75 -3.64
CB MSE B 33 -3.14 -24.88 -4.51
CG MSE B 33 -4.12 -23.71 -4.66
SE MSE B 33 -3.37 -22.14 -3.70
CE MSE B 33 -3.88 -22.67 -1.86
N GLY B 34 -2.26 -28.08 -5.84
CA GLY B 34 -1.57 -29.36 -5.67
C GLY B 34 -2.29 -30.36 -4.78
N GLY B 35 -3.61 -30.40 -4.92
CA GLY B 35 -4.46 -31.30 -4.13
C GLY B 35 -4.95 -30.76 -2.79
N LYS B 36 -4.33 -29.67 -2.31
CA LYS B 36 -4.75 -29.04 -1.08
C LYS B 36 -5.86 -28.03 -1.37
N LEU B 37 -6.80 -27.88 -0.41
CA LEU B 37 -7.92 -26.95 -0.56
C LEU B 37 -7.90 -25.87 0.52
N VAL B 38 -7.95 -24.60 0.09
CA VAL B 38 -8.22 -23.47 0.98
C VAL B 38 -9.56 -22.85 0.52
N TRP B 39 -10.45 -22.60 1.44
CA TRP B 39 -11.81 -22.28 1.09
C TRP B 39 -12.39 -21.29 2.09
N SER B 40 -13.44 -20.60 1.67
CA SER B 40 -14.18 -19.67 2.50
C SER B 40 -15.63 -19.86 2.25
N SER B 41 -16.42 -19.85 3.30
CA SER B 41 -17.86 -19.92 3.14
C SER B 41 -18.45 -18.56 3.36
N ASN B 42 -17.75 -17.52 2.91
CA ASN B 42 -18.18 -16.15 3.16
C ASN B 42 -17.98 -15.34 1.94
N SER B 43 -18.12 -15.94 0.77
CA SER B 43 -17.87 -15.26 -0.55
C SER B 43 -19.10 -14.73 -1.26
N THR B 44 -19.04 -13.53 -1.81
CA THR B 44 -20.08 -13.07 -2.70
C THR B 44 -19.47 -13.24 -4.08
N LEU B 45 -20.05 -14.14 -4.88
CA LEU B 45 -19.32 -14.61 -6.05
C LEU B 45 -19.18 -13.54 -7.15
N GLY B 46 -20.13 -12.64 -7.27
CA GLY B 46 -20.00 -11.55 -8.21
C GLY B 46 -18.76 -10.69 -7.95
N VAL B 47 -18.51 -10.42 -6.67
CA VAL B 47 -17.44 -9.56 -6.25
C VAL B 47 -16.15 -10.29 -6.38
N ASP B 48 -16.09 -11.50 -5.88
CA ASP B 48 -14.93 -12.33 -6.12
C ASP B 48 -14.60 -12.51 -7.64
N LEU B 49 -15.60 -12.82 -8.47
CA LEU B 49 -15.32 -13.09 -9.89
C LEU B 49 -14.86 -11.82 -10.64
N SER B 50 -15.52 -10.69 -10.43
CA SER B 50 -15.13 -9.47 -11.10
C SER B 50 -13.73 -9.01 -10.68
N MSE B 51 -13.34 -9.29 -9.44
CA MSE B 51 -11.99 -8.91 -8.95
C MSE B 51 -10.93 -9.90 -9.44
O MSE B 51 -9.81 -9.50 -9.67
CB MSE B 51 -11.86 -8.66 -7.45
CG MSE B 51 -12.95 -7.68 -7.03
SE MSE B 51 -12.54 -5.81 -7.56
CE MSE B 51 -14.40 -5.13 -7.44
N LEU B 52 -11.29 -11.18 -9.64
CA LEU B 52 -10.36 -12.11 -10.27
C LEU B 52 -10.07 -11.68 -11.72
N SER B 53 -11.09 -11.17 -12.41
CA SER B 53 -10.95 -10.81 -13.80
C SER B 53 -10.00 -9.64 -14.01
N ARG B 54 -9.71 -8.88 -12.95
CA ARG B 54 -8.87 -7.69 -13.01
C ARG B 54 -7.56 -7.88 -12.27
N LEU B 55 -7.20 -9.10 -11.94
CA LEU B 55 -5.91 -9.32 -11.33
C LEU B 55 -4.83 -8.90 -12.31
N HIS B 56 -3.74 -8.37 -11.78
CA HIS B 56 -2.61 -7.93 -12.61
C HIS B 56 -2.15 -9.05 -13.58
N CYS B 57 -2.17 -10.31 -13.13
CA CYS B 57 -1.74 -11.43 -13.97
C CYS B 57 -2.63 -11.78 -15.18
N MSE B 58 -3.79 -11.17 -15.29
CA MSE B 58 -4.68 -11.50 -16.41
C MSE B 58 -4.30 -10.73 -17.64
O MSE B 58 -4.64 -11.14 -18.74
CB MSE B 58 -6.11 -11.13 -16.10
CG MSE B 58 -6.62 -11.82 -14.84
SE MSE B 58 -6.61 -13.80 -14.99
CE MSE B 58 -7.92 -14.09 -16.44
N ARG B 59 -3.58 -9.63 -17.44
CA ARG B 59 -3.19 -8.72 -18.51
C ARG B 59 -1.64 -8.64 -18.69
N ASN B 60 -0.89 -8.97 -17.63
CA ASN B 60 0.55 -8.72 -17.54
C ASN B 60 1.29 -9.96 -17.06
N THR B 61 2.58 -10.02 -17.42
CA THR B 61 3.44 -11.09 -16.96
C THR B 61 3.79 -10.87 -15.51
N VAL B 62 4.01 -11.98 -14.80
CA VAL B 62 4.44 -11.91 -13.43
C VAL B 62 5.67 -12.82 -13.30
N GLU B 63 6.60 -12.62 -14.23
CA GLU B 63 7.90 -13.30 -14.21
C GLU B 63 8.71 -12.85 -13.00
N ASP B 64 9.22 -13.80 -12.23
CA ASP B 64 10.19 -13.45 -11.20
C ASP B 64 11.06 -14.64 -10.90
N ALA B 65 12.30 -14.56 -11.34
CA ALA B 65 13.22 -15.70 -11.35
C ALA B 65 13.66 -16.05 -9.94
N GLU B 66 13.90 -15.05 -9.13
CA GLU B 66 14.35 -15.28 -7.78
C GLU B 66 13.28 -16.08 -7.02
N LEU B 67 12.06 -15.53 -7.01
CA LEU B 67 10.96 -16.05 -6.21
C LEU B 67 10.54 -17.42 -6.66
N PHE B 68 10.69 -17.68 -7.95
CA PHE B 68 10.48 -19.01 -8.48
C PHE B 68 11.45 -20.03 -7.85
N HIS B 69 12.74 -19.67 -7.77
CA HIS B 69 13.80 -20.65 -7.43
C HIS B 69 14.15 -20.76 -5.95
N ILE B 70 13.69 -19.81 -5.14
CA ILE B 70 14.02 -19.86 -3.72
C ILE B 70 13.00 -20.73 -2.99
N SER B 71 13.10 -20.79 -1.67
CA SER B 71 12.20 -21.61 -0.87
C SER B 71 10.77 -21.04 -0.93
N PRO B 72 9.75 -21.91 -0.76
CA PRO B 72 8.38 -21.43 -0.55
C PRO B 72 8.28 -20.50 0.67
N GLU B 73 8.92 -20.91 1.76
CA GLU B 73 9.00 -20.17 3.02
C GLU B 73 9.53 -18.75 2.82
N ASP B 74 10.64 -18.64 2.12
CA ASP B 74 11.26 -17.34 1.92
C ASP B 74 10.47 -16.51 0.90
N ALA B 75 10.02 -17.13 -0.18
CA ALA B 75 9.27 -16.41 -1.20
C ALA B 75 7.98 -15.79 -0.63
N TYR B 76 7.22 -16.59 0.12
CA TYR B 76 6.01 -16.09 0.77
C TYR B 76 6.26 -14.90 1.72
N ARG B 77 7.39 -14.91 2.41
CA ARG B 77 7.77 -13.82 3.31
C ARG B 77 8.09 -12.58 2.51
N GLU B 78 8.83 -12.76 1.42
CA GLU B 78 9.20 -11.64 0.55
C GLU B 78 7.97 -11.05 -0.15
N LEU B 79 7.00 -11.90 -0.47
CA LEU B 79 5.82 -11.45 -1.17
C LEU B 79 4.86 -10.70 -0.24
N CYS B 80 4.79 -11.18 1.00
CA CYS B 80 4.06 -10.54 2.07
C CYS B 80 4.75 -9.23 2.53
N ASN B 81 6.08 -9.18 2.41
CA ASN B 81 6.80 -7.92 2.55
C ASN B 81 6.38 -6.88 1.52
N ARG B 82 6.27 -7.29 0.26
CA ARG B 82 5.96 -6.35 -0.82
C ARG B 82 4.55 -5.83 -0.71
N ALA B 83 3.65 -6.73 -0.31
CA ALA B 83 2.22 -6.46 -0.22
C ALA B 83 1.87 -5.61 0.99
N PHE B 84 2.61 -5.80 2.09
CA PHE B 84 2.34 -5.11 3.35
C PHE B 84 3.61 -4.52 3.92
N PRO B 85 4.14 -3.50 3.25
CA PRO B 85 5.39 -2.93 3.71
C PRO B 85 5.16 -2.22 5.04
N SER B 86 6.16 -2.25 5.91
CA SER B 86 6.05 -1.64 7.23
C SER B 86 6.66 -0.24 7.16
N MSE B 87 6.73 0.42 8.31
CA MSE B 87 7.27 1.77 8.37
C MSE B 87 8.77 1.82 8.30
O MSE B 87 9.35 2.87 8.08
CB MSE B 87 6.83 2.40 9.68
CG MSE B 87 5.32 2.54 9.76
SE MSE B 87 4.96 3.88 11.17
CE MSE B 87 6.10 3.09 12.58
N ASP B 88 9.41 0.66 8.52
CA ASP B 88 10.85 0.50 8.30
C ASP B 88 11.20 0.79 6.85
N SER B 89 10.30 0.37 5.96
CA SER B 89 10.47 0.50 4.52
C SER B 89 10.43 1.96 4.03
N GLY B 90 10.10 2.89 4.92
CA GLY B 90 9.93 4.30 4.56
C GLY B 90 8.47 4.52 4.23
N ALA B 91 8.21 5.28 3.18
CA ALA B 91 6.85 5.50 2.70
C ALA B 91 6.70 4.84 1.35
N GLU B 92 6.62 3.50 1.36
CA GLU B 92 6.68 2.74 0.11
C GLU B 92 5.33 2.26 -0.33
N SER B 93 5.12 2.31 -1.64
CA SER B 93 3.84 1.91 -2.22
C SER B 93 3.73 0.39 -2.22
N ASN B 94 2.62 -0.13 -1.71
CA ASN B 94 2.41 -1.57 -1.65
C ASN B 94 2.38 -2.19 -3.05
N ASP B 95 2.56 -3.51 -3.09
CA ASP B 95 2.71 -4.24 -4.34
C ASP B 95 1.83 -5.47 -4.27
N PHE B 96 0.81 -5.50 -5.13
CA PHE B 96 -0.09 -6.67 -5.28
C PHE B 96 0.05 -7.38 -6.63
N THR B 97 1.18 -7.23 -7.28
CA THR B 97 1.39 -7.76 -8.62
C THR B 97 1.16 -9.26 -8.67
N HIS B 98 1.71 -9.94 -7.67
CA HIS B 98 1.74 -11.37 -7.68
C HIS B 98 0.55 -12.00 -6.96
N LEU B 99 -0.21 -11.19 -6.22
CA LEU B 99 -1.30 -11.69 -5.44
C LEU B 99 -2.43 -12.12 -6.34
N VAL B 100 -2.92 -13.35 -6.18
CA VAL B 100 -4.06 -13.85 -6.93
C VAL B 100 -5.20 -14.46 -6.12
N SER B 101 -5.14 -14.37 -4.80
CA SER B 101 -6.29 -14.74 -3.97
C SER B 101 -7.52 -13.96 -4.37
N ALA B 102 -8.63 -14.69 -4.54
CA ALA B 102 -9.93 -14.10 -4.45
C ALA B 102 -10.03 -13.35 -3.14
N GLU B 103 -10.92 -12.38 -3.10
CA GLU B 103 -11.06 -11.52 -1.93
C GLU B 103 -11.55 -12.26 -0.72
N SER B 104 -12.49 -13.17 -0.90
CA SER B 104 -12.97 -13.92 0.23
C SER B 104 -11.82 -14.67 0.87
N LEU B 105 -10.90 -15.19 0.04
CA LEU B 105 -9.75 -15.92 0.57
C LEU B 105 -8.76 -15.00 1.26
N SER B 106 -8.33 -13.92 0.62
CA SER B 106 -7.45 -12.94 1.30
C SER B 106 -8.10 -12.36 2.56
N ASP B 107 -9.41 -12.21 2.59
CA ASP B 107 -10.11 -11.66 3.76
C ASP B 107 -10.06 -12.58 4.97
N GLU B 108 -9.96 -13.87 4.70
CA GLU B 108 -9.76 -14.84 5.79
C GLU B 108 -8.32 -14.96 6.18
N GLY B 109 -7.43 -14.62 5.25
CA GLY B 109 -6.02 -14.67 5.54
C GLY B 109 -5.22 -15.65 4.71
N TYR B 110 -5.76 -16.05 3.57
CA TYR B 110 -5.02 -16.88 2.65
C TYR B 110 -4.44 -15.96 1.59
N TYR B 111 -3.13 -15.93 1.53
CA TYR B 111 -2.46 -15.11 0.57
C TYR B 111 -1.81 -16.02 -0.42
N ILE B 112 -2.16 -15.83 -1.69
CA ILE B 112 -1.81 -16.76 -2.71
C ILE B 112 -1.24 -16.00 -3.89
N PHE B 113 -0.01 -16.32 -4.25
CA PHE B 113 0.71 -15.53 -5.19
C PHE B 113 1.03 -16.36 -6.43
N LEU B 114 1.10 -15.68 -7.58
CA LEU B 114 1.53 -16.29 -8.84
C LEU B 114 2.90 -15.79 -9.22
N VAL B 115 3.85 -16.69 -9.44
CA VAL B 115 5.17 -16.36 -9.99
C VAL B 115 5.42 -17.22 -11.24
N GLU B 116 5.78 -16.59 -12.36
CA GLU B 116 6.03 -17.31 -13.60
C GLU B 116 7.54 -17.42 -13.84
N TYR B 117 7.97 -18.47 -14.54
CA TYR B 117 9.36 -18.58 -15.04
C TYR B 117 9.38 -19.31 -16.37
N ASP B 118 9.86 -18.64 -17.39
CA ASP B 118 9.96 -19.25 -18.70
C ASP B 118 8.58 -19.83 -19.12
N GLU B 119 8.42 -21.16 -19.05
CA GLU B 119 7.19 -21.85 -19.47
C GLU B 119 6.40 -22.46 -18.32
N SER B 120 6.81 -22.17 -17.10
CA SER B 120 6.18 -22.78 -15.98
C SER B 120 5.66 -21.66 -15.04
N ALA B 121 5.07 -22.04 -13.92
CA ALA B 121 4.56 -21.07 -12.93
C ALA B 121 4.35 -21.72 -11.58
N LYS B 122 4.32 -20.91 -10.54
CA LYS B 122 4.14 -21.38 -9.18
C LYS B 122 3.05 -20.58 -8.50
N LEU B 123 2.10 -21.28 -7.90
CA LEU B 123 1.30 -20.68 -6.87
C LEU B 123 2.04 -20.87 -5.57
N ILE B 124 2.18 -19.78 -4.83
CA ILE B 124 2.84 -19.81 -3.56
C ILE B 124 1.83 -19.28 -2.56
N TYR B 125 1.54 -20.07 -1.54
CA TYR B 125 0.42 -19.79 -0.66
C TYR B 125 0.81 -20.05 0.78
N GLY B 126 0.10 -19.40 1.67
CA GLY B 126 0.22 -19.63 3.11
C GLY B 126 -0.89 -18.89 3.82
N PHE B 127 -0.91 -18.96 5.13
CA PHE B 127 -1.92 -18.30 5.93
C PHE B 127 -1.27 -17.21 6.75
N LYS B 128 -1.68 -15.96 6.53
CA LYS B 128 -1.25 -14.82 7.35
C LYS B 128 0.26 -14.70 7.34
N GLU B 129 0.90 -14.60 8.51
CA GLU B 129 2.36 -14.40 8.56
C GLU B 129 3.11 -15.71 8.82
N ASN B 130 2.42 -16.85 8.70
CA ASN B 130 3.02 -18.17 8.89
C ASN B 130 3.87 -18.60 7.71
N SER B 131 5.04 -18.01 7.55
CA SER B 131 5.92 -18.31 6.42
C SER B 131 6.54 -19.71 6.50
N ARG B 132 6.72 -20.24 7.71
CA ARG B 132 7.22 -21.62 7.89
C ARG B 132 6.32 -22.65 7.19
N GLU B 133 5.00 -22.57 7.39
CA GLU B 133 4.05 -23.55 6.82
C GLU B 133 3.58 -23.15 5.42
N ALA B 134 4.32 -22.30 4.73
CA ALA B 134 3.93 -21.92 3.38
C ALA B 134 4.02 -23.15 2.48
N GLY B 135 3.57 -23.05 1.25
CA GLY B 135 3.74 -24.14 0.29
C GLY B 135 3.57 -23.62 -1.12
N GLU B 136 3.76 -24.47 -2.12
CA GLU B 136 3.56 -24.08 -3.50
C GLU B 136 3.30 -25.27 -4.35
N VAL B 137 2.76 -25.01 -5.53
CA VAL B 137 2.57 -26.05 -6.54
C VAL B 137 3.00 -25.52 -7.90
N VAL B 138 3.70 -26.35 -8.66
CA VAL B 138 4.19 -26.00 -9.98
C VAL B 138 3.08 -26.17 -11.00
N LEU B 139 2.82 -25.11 -11.75
CA LEU B 139 1.83 -25.15 -12.80
C LEU B 139 2.53 -24.94 -14.11
N VAL B 140 1.78 -25.15 -15.19
CA VAL B 140 2.20 -24.72 -16.49
C VAL B 140 1.84 -23.24 -16.58
N ARG B 141 2.61 -22.49 -17.37
CA ARG B 141 2.38 -21.07 -17.51
C ARG B 141 1.09 -20.87 -18.27
N GLY B 142 0.27 -19.93 -17.79
CA GLY B 142 -1.02 -19.68 -18.39
C GLY B 142 -2.14 -20.51 -17.78
N GLU B 143 -1.78 -21.50 -16.98
CA GLU B 143 -2.77 -22.44 -16.45
C GLU B 143 -3.72 -21.69 -15.51
N PHE B 144 -3.16 -20.96 -14.55
CA PHE B 144 -4.00 -20.15 -13.61
C PHE B 144 -4.97 -19.21 -14.33
N GLN B 145 -4.45 -18.39 -15.22
CA GLN B 145 -5.32 -17.51 -15.98
C GLN B 145 -6.47 -18.27 -16.67
N SER B 146 -6.11 -19.36 -17.33
CA SER B 146 -7.02 -20.13 -18.13
C SER B 146 -8.20 -20.71 -17.29
N VAL B 147 -7.89 -21.15 -16.08
CA VAL B 147 -8.90 -21.64 -15.18
C VAL B 147 -9.78 -20.50 -14.74
N VAL B 148 -9.18 -19.38 -14.41
CA VAL B 148 -9.94 -18.17 -14.04
C VAL B 148 -10.86 -17.76 -15.15
N ARG B 149 -10.31 -17.69 -16.35
CA ARG B 149 -11.09 -17.31 -17.51
C ARG B 149 -12.28 -18.29 -17.73
N ASP B 150 -12.06 -19.58 -17.43
CA ASP B 150 -13.10 -20.61 -17.53
C ASP B 150 -14.20 -20.39 -16.48
N VAL B 151 -13.80 -20.12 -15.24
CA VAL B 151 -14.80 -19.77 -14.23
C VAL B 151 -15.67 -18.57 -14.67
N LEU B 152 -15.08 -17.56 -15.30
CA LEU B 152 -15.85 -16.39 -15.73
C LEU B 152 -16.78 -16.72 -16.88
N ALA B 153 -16.33 -17.61 -17.77
CA ALA B 153 -17.17 -18.05 -18.90
C ALA B 153 -18.39 -18.85 -18.45
N LYS B 154 -18.25 -19.68 -17.43
CA LYS B 154 -19.31 -20.61 -17.03
C LYS B 154 -20.39 -20.03 -16.12
N SER B 155 -20.17 -18.82 -15.61
CA SER B 155 -21.08 -18.23 -14.64
C SER B 155 -22.43 -17.75 -15.22
N1 EPE C . -15.60 -7.51 0.24
C2 EPE C . -14.29 -7.04 0.72
C3 EPE C . -14.48 -6.19 1.97
N4 EPE C . -15.30 -5.03 1.56
C5 EPE C . -16.65 -5.50 1.13
C6 EPE C . -16.48 -6.37 -0.12
C7 EPE C . -15.37 -3.98 2.60
C8 EPE C . -15.44 -2.58 1.95
O8 EPE C . -15.62 -1.60 2.96
C9 EPE C . -15.44 -8.42 -0.89
C10 EPE C . -16.65 -9.35 -0.94
S EPE C . -16.54 -10.64 0.10
O1S EPE C . -15.33 -10.59 0.98
O2S EPE C . -16.45 -11.85 -0.78
O3S EPE C . -17.79 -10.64 0.92
#